data_9FCR
#
_entry.id   9FCR
#
_cell.length_a   67.740
_cell.length_b   82.550
_cell.length_c   58.740
_cell.angle_alpha   90.000
_cell.angle_beta   90.000
_cell.angle_gamma   90.000
#
_symmetry.space_group_name_H-M   'P 21 21 21'
#
loop_
_entity.id
_entity.type
_entity.pdbx_description
1 polymer 'Serine hydrolase RBBP9'
2 water water
#
_entity_poly.entity_id   1
_entity_poly.type   'polypeptide(L)'
_entity_poly.pdbx_seq_one_letter_code
;MASPSKAVIVPGNGGGDVTTHGWYGWVKKELEKIPGFQCLAKNMPDPITARESIWLPFMETELHCDEKTIIIGHSSGAIA
AMRYAETHRVYAIVLVSAYTSDLGDENERASGYFTRPWQWEKIKANCPYIVQFGSTDDPFLPWKEQQEVADRLETKLHKF
TDCGHFQNTEFHELITVVKSLLKVPA
;
_entity_poly.pdbx_strand_id   A,B
#
# COMPACT_ATOMS: atom_id res chain seq x y z
N SER A 3 -17.58 10.88 -17.69
CA SER A 3 -16.37 11.10 -16.90
C SER A 3 -16.71 11.11 -15.41
N PRO A 4 -15.83 10.52 -14.60
CA PRO A 4 -16.13 10.40 -13.17
C PRO A 4 -16.07 11.74 -12.45
N SER A 5 -17.04 11.97 -11.58
CA SER A 5 -17.14 13.21 -10.83
C SER A 5 -16.82 13.05 -9.34
N LYS A 6 -16.98 11.85 -8.78
CA LYS A 6 -16.75 11.67 -7.37
C LYS A 6 -16.55 10.19 -7.11
N ALA A 7 -16.09 9.87 -5.90
CA ALA A 7 -16.07 8.51 -5.40
C ALA A 7 -16.99 8.41 -4.20
N VAL A 8 -17.43 7.19 -3.92
CA VAL A 8 -18.27 6.88 -2.78
C VAL A 8 -17.71 5.60 -2.19
N ILE A 9 -17.56 5.57 -0.88
CA ILE A 9 -17.20 4.35 -0.16
C ILE A 9 -18.45 3.81 0.49
N VAL A 10 -18.78 2.55 0.17
CA VAL A 10 -19.80 1.79 0.89
C VAL A 10 -19.05 0.80 1.78
N PRO A 11 -19.13 0.94 3.09
CA PRO A 11 -18.29 0.14 3.99
C PRO A 11 -18.86 -1.25 4.21
N GLY A 12 -18.10 -2.06 4.93
CA GLY A 12 -18.63 -3.32 5.42
C GLY A 12 -19.71 -3.10 6.46
N ASN A 13 -20.34 -4.21 6.87
CA ASN A 13 -21.34 -4.05 7.91
C ASN A 13 -20.66 -3.85 9.26
N GLY A 14 -21.47 -3.52 10.26
CA GLY A 14 -20.95 -3.30 11.59
C GLY A 14 -21.04 -1.84 12.01
N GLY A 15 -20.85 -1.62 13.30
CA GLY A 15 -21.11 -0.32 13.88
C GLY A 15 -19.94 0.62 13.91
N GLY A 16 -18.84 0.31 13.22
CA GLY A 16 -17.69 1.18 13.26
C GLY A 16 -17.98 2.48 12.54
N ASP A 17 -17.44 3.58 13.08
CA ASP A 17 -17.56 4.84 12.38
C ASP A 17 -16.79 4.78 11.07
N VAL A 18 -17.42 5.23 9.99
CA VAL A 18 -16.79 5.20 8.68
C VAL A 18 -15.59 6.12 8.62
N THR A 19 -15.48 7.09 9.53
CA THR A 19 -14.34 7.99 9.51
C THR A 19 -13.08 7.37 10.11
N THR A 20 -13.21 6.30 10.89
CA THR A 20 -12.05 5.70 11.53
C THR A 20 -11.92 4.20 11.34
N HIS A 21 -12.94 3.51 10.84
CA HIS A 21 -12.83 2.07 10.66
C HIS A 21 -11.92 1.73 9.49
N GLY A 22 -10.93 0.88 9.75
CA GLY A 22 -10.00 0.46 8.71
C GLY A 22 -9.44 1.63 7.92
N TRP A 23 -9.54 1.52 6.59
CA TRP A 23 -8.89 2.44 5.68
C TRP A 23 -9.85 3.46 5.07
N TYR A 24 -11.11 3.49 5.47
CA TYR A 24 -12.09 4.34 4.77
C TYR A 24 -11.71 5.81 4.88
N GLY A 25 -11.43 6.25 6.10
CA GLY A 25 -11.11 7.65 6.30
C GLY A 25 -9.81 8.05 5.65
N TRP A 26 -8.82 7.16 5.70
CA TRP A 26 -7.54 7.45 5.07
C TRP A 26 -7.70 7.58 3.56
N VAL A 27 -8.45 6.65 2.95
CA VAL A 27 -8.66 6.70 1.50
C VAL A 27 -9.44 7.95 1.10
N LYS A 28 -10.49 8.29 1.88
CA LYS A 28 -11.22 9.52 1.59
C LYS A 28 -10.30 10.74 1.64
N LYS A 29 -9.47 10.83 2.69
CA LYS A 29 -8.55 11.96 2.81
C LYS A 29 -7.56 12.01 1.65
N GLU A 30 -7.04 10.85 1.25
CA GLU A 30 -6.07 10.82 0.16
C GLU A 30 -6.71 11.23 -1.16
N LEU A 31 -7.92 10.73 -1.44
CA LEU A 31 -8.57 11.11 -2.69
C LEU A 31 -8.96 12.58 -2.71
N GLU A 32 -9.38 13.13 -1.56
CA GLU A 32 -9.77 14.53 -1.51
C GLU A 32 -8.60 15.48 -1.55
N LYS A 33 -7.37 14.95 -1.55
CA LYS A 33 -6.23 15.82 -1.84
C LYS A 33 -6.24 16.30 -3.28
N ILE A 34 -6.96 15.62 -4.17
CA ILE A 34 -7.13 16.09 -5.53
C ILE A 34 -8.06 17.30 -5.49
N PRO A 35 -7.61 18.46 -5.96
CA PRO A 35 -8.46 19.65 -5.88
C PRO A 35 -9.86 19.45 -6.45
N GLY A 36 -10.86 19.78 -5.63
CA GLY A 36 -12.24 19.70 -6.06
C GLY A 36 -12.85 18.31 -6.05
N PHE A 37 -12.09 17.29 -5.63
CA PHE A 37 -12.60 15.91 -5.72
C PHE A 37 -13.22 15.51 -4.39
N GLN A 38 -14.42 14.92 -4.46
CA GLN A 38 -15.17 14.48 -3.30
C GLN A 38 -15.16 12.96 -3.25
N CYS A 39 -14.89 12.43 -2.06
CA CYS A 39 -15.07 11.00 -1.77
C CYS A 39 -16.09 10.93 -0.64
N LEU A 40 -17.31 10.54 -0.96
CA LEU A 40 -18.37 10.48 0.03
C LEU A 40 -18.21 9.21 0.85
N ALA A 41 -18.29 9.35 2.16
CA ALA A 41 -18.27 8.18 3.03
C ALA A 41 -19.15 8.52 4.22
N LYS A 42 -20.25 7.80 4.37
CA LYS A 42 -21.19 8.09 5.42
C LYS A 42 -21.47 6.81 6.17
N ASN A 43 -21.77 6.97 7.46
CA ASN A 43 -22.26 5.84 8.24
C ASN A 43 -23.57 5.35 7.64
N MET A 44 -23.69 4.04 7.52
CA MET A 44 -24.83 3.52 6.79
C MET A 44 -26.01 3.29 7.72
N PRO A 45 -27.22 3.51 7.23
CA PRO A 45 -28.39 3.09 8.00
C PRO A 45 -28.43 1.58 8.01
N ASP A 46 -29.03 1.01 9.06
CA ASP A 46 -29.08 -0.43 9.25
C ASP A 46 -27.66 -1.02 9.14
N PRO A 47 -26.71 -0.52 9.93
CA PRO A 47 -25.31 -0.88 9.68
C PRO A 47 -24.98 -2.34 9.98
N ILE A 48 -25.74 -2.99 10.85
CA ILE A 48 -25.38 -4.35 11.26
C ILE A 48 -25.90 -5.37 10.26
N THR A 49 -27.18 -5.30 9.93
CA THR A 49 -27.76 -6.22 8.96
C THR A 49 -27.44 -5.84 7.52
N ALA A 50 -27.22 -4.54 7.26
CA ALA A 50 -26.87 -4.05 5.91
C ALA A 50 -27.93 -4.45 4.87
N ARG A 51 -29.20 -4.34 5.23
CA ARG A 51 -30.26 -4.83 4.36
C ARG A 51 -30.26 -4.11 3.00
N GLU A 52 -30.33 -4.92 1.94
CA GLU A 52 -30.41 -4.40 0.59
C GLU A 52 -31.50 -3.35 0.45
N SER A 53 -32.68 -3.61 1.04
CA SER A 53 -33.80 -2.70 0.94
C SER A 53 -33.54 -1.35 1.59
N ILE A 54 -32.48 -1.24 2.39
CA ILE A 54 -32.12 0.00 3.05
C ILE A 54 -30.86 0.60 2.45
N TRP A 55 -29.84 -0.23 2.17
CA TRP A 55 -28.57 0.27 1.67
C TRP A 55 -28.67 0.78 0.24
N LEU A 56 -29.37 0.04 -0.65
CA LEU A 56 -29.44 0.48 -2.04
C LEU A 56 -30.15 1.82 -2.20
N PRO A 57 -31.30 2.06 -1.58
CA PRO A 57 -31.88 3.41 -1.64
C PRO A 57 -30.98 4.49 -1.07
N PHE A 58 -30.30 4.19 0.05
CA PHE A 58 -29.36 5.12 0.63
C PHE A 58 -28.26 5.46 -0.38
N MET A 59 -27.78 4.44 -1.11
CA MET A 59 -26.74 4.66 -2.12
C MET A 59 -27.24 5.59 -3.21
N GLU A 60 -28.50 5.46 -3.60
CA GLU A 60 -29.04 6.29 -4.66
C GLU A 60 -29.35 7.70 -4.18
N THR A 61 -30.06 7.82 -3.04
CA THR A 61 -30.59 9.10 -2.60
C THR A 61 -29.57 9.92 -1.82
N GLU A 62 -28.87 9.30 -0.87
CA GLU A 62 -27.99 10.03 0.03
C GLU A 62 -26.53 10.03 -0.42
N LEU A 63 -26.11 8.99 -1.13
CA LEU A 63 -24.76 8.93 -1.66
C LEU A 63 -24.68 9.28 -3.14
N HIS A 64 -25.82 9.46 -3.80
CA HIS A 64 -25.90 9.99 -5.17
C HIS A 64 -25.08 9.16 -6.15
N CYS A 65 -25.14 7.84 -6.01
CA CYS A 65 -24.32 6.97 -6.80
C CYS A 65 -24.90 6.89 -8.21
N ASP A 66 -24.15 7.36 -9.21
CA ASP A 66 -24.68 7.43 -10.57
C ASP A 66 -23.58 7.08 -11.58
N GLU A 67 -23.84 7.41 -12.85
CA GLU A 67 -22.96 7.02 -13.94
C GLU A 67 -21.64 7.77 -13.93
N LYS A 68 -21.49 8.77 -13.08
CA LYS A 68 -20.22 9.46 -12.89
C LYS A 68 -19.54 9.11 -11.58
N THR A 69 -20.03 8.09 -10.87
CA THR A 69 -19.54 7.75 -9.54
C THR A 69 -18.61 6.54 -9.65
N ILE A 70 -17.46 6.61 -8.99
CA ILE A 70 -16.65 5.44 -8.70
C ILE A 70 -17.07 4.93 -7.34
N ILE A 71 -17.65 3.73 -7.28
CA ILE A 71 -18.10 3.16 -6.02
C ILE A 71 -17.03 2.22 -5.53
N ILE A 72 -16.58 2.45 -4.30
CA ILE A 72 -15.62 1.59 -3.62
C ILE A 72 -16.41 0.84 -2.56
N GLY A 73 -16.58 -0.47 -2.75
CA GLY A 73 -17.38 -1.24 -1.84
C GLY A 73 -16.56 -2.29 -1.12
N HIS A 74 -16.63 -2.33 0.21
CA HIS A 74 -15.87 -3.29 1.01
C HIS A 74 -16.83 -4.29 1.66
N SER A 75 -16.61 -5.59 1.43
CA SER A 75 -17.36 -6.65 2.11
C SER A 75 -18.84 -6.48 1.82
N SER A 76 -19.68 -6.21 2.83
CA SER A 76 -21.10 -6.00 2.57
C SER A 76 -21.31 -4.89 1.56
N GLY A 77 -20.45 -3.87 1.60
CA GLY A 77 -20.56 -2.78 0.64
C GLY A 77 -20.17 -3.19 -0.76
N ALA A 78 -19.27 -4.17 -0.89
CA ALA A 78 -19.00 -4.75 -2.20
C ALA A 78 -20.23 -5.49 -2.73
N ILE A 79 -20.89 -6.26 -1.87
CA ILE A 79 -22.12 -6.93 -2.28
C ILE A 79 -23.15 -5.91 -2.71
N ALA A 80 -23.32 -4.85 -1.92
CA ALA A 80 -24.31 -3.83 -2.25
C ALA A 80 -23.99 -3.16 -3.56
N ALA A 81 -22.70 -2.87 -3.80
CA ALA A 81 -22.29 -2.22 -5.05
C ALA A 81 -22.60 -3.11 -6.24
N MET A 82 -22.37 -4.41 -6.11
CA MET A 82 -22.72 -5.34 -7.19
C MET A 82 -24.22 -5.37 -7.42
N ARG A 83 -25.02 -5.48 -6.35
CA ARG A 83 -26.47 -5.49 -6.54
C ARG A 83 -26.97 -4.18 -7.10
N TYR A 84 -26.39 -3.05 -6.64
CA TYR A 84 -26.76 -1.74 -7.14
C TYR A 84 -26.55 -1.67 -8.64
N ALA A 85 -25.41 -2.18 -9.12
CA ALA A 85 -25.07 -2.09 -10.53
C ALA A 85 -25.91 -3.01 -11.41
N GLU A 86 -26.74 -3.87 -10.84
CA GLU A 86 -27.65 -4.66 -11.66
C GLU A 86 -28.69 -3.76 -12.33
N THR A 87 -29.03 -2.63 -11.71
CA THR A 87 -30.07 -1.73 -12.20
C THR A 87 -29.61 -0.28 -12.27
N HIS A 88 -28.35 0.03 -11.98
CA HIS A 88 -27.88 1.40 -12.05
C HIS A 88 -26.60 1.45 -12.88
N ARG A 89 -26.54 2.42 -13.79
CA ARG A 89 -25.28 2.69 -14.47
C ARG A 89 -24.32 3.35 -13.48
N VAL A 90 -23.10 2.84 -13.43
CA VAL A 90 -22.07 3.29 -12.50
C VAL A 90 -20.79 3.48 -13.29
N TYR A 91 -20.04 4.55 -13.01
CA TYR A 91 -18.84 4.78 -13.79
C TYR A 91 -17.84 3.65 -13.60
N ALA A 92 -17.56 3.29 -12.36
CA ALA A 92 -16.59 2.24 -12.09
C ALA A 92 -16.82 1.75 -10.68
N ILE A 93 -16.44 0.51 -10.43
CA ILE A 93 -16.61 -0.10 -9.13
C ILE A 93 -15.28 -0.73 -8.74
N VAL A 94 -14.85 -0.45 -7.51
CA VAL A 94 -13.72 -1.12 -6.91
C VAL A 94 -14.28 -1.96 -5.78
N LEU A 95 -14.18 -3.28 -5.94
CA LEU A 95 -14.69 -4.23 -4.96
C LEU A 95 -13.53 -4.64 -4.07
N VAL A 96 -13.76 -4.63 -2.76
CA VAL A 96 -12.77 -5.09 -1.80
C VAL A 96 -13.41 -6.19 -0.97
N SER A 97 -12.87 -7.40 -1.08
CA SER A 97 -13.38 -8.56 -0.34
C SER A 97 -14.81 -8.87 -0.74
N ALA A 98 -14.98 -9.20 -2.03
CA ALA A 98 -16.28 -9.51 -2.60
C ALA A 98 -16.52 -11.01 -2.56
N TYR A 99 -17.79 -11.39 -2.55
CA TYR A 99 -18.18 -12.80 -2.49
C TYR A 99 -19.57 -12.92 -3.13
N THR A 100 -20.11 -14.15 -3.12
CA THR A 100 -21.32 -14.42 -3.89
C THR A 100 -22.47 -15.02 -3.09
N SER A 101 -22.20 -15.66 -1.97
CA SER A 101 -23.25 -16.29 -1.19
C SER A 101 -23.26 -15.75 0.24
N ASP A 102 -24.28 -16.17 1.00
CA ASP A 102 -24.39 -15.76 2.39
C ASP A 102 -23.40 -16.47 3.30
N LEU A 103 -22.49 -17.29 2.75
CA LEU A 103 -21.45 -17.96 3.52
C LEU A 103 -22.03 -18.86 4.61
N GLY A 104 -23.33 -19.19 4.51
CA GLY A 104 -23.97 -19.95 5.56
C GLY A 104 -24.25 -19.17 6.83
N ASP A 105 -24.02 -17.86 6.85
CA ASP A 105 -24.16 -17.06 8.05
C ASP A 105 -25.51 -16.36 8.06
N GLU A 106 -26.20 -16.38 9.20
CA GLU A 106 -27.56 -15.83 9.21
C GLU A 106 -27.58 -14.33 9.08
N ASN A 107 -26.56 -13.66 9.60
CA ASN A 107 -26.56 -12.21 9.45
C ASN A 107 -26.30 -11.79 8.02
N GLU A 108 -25.40 -12.50 7.32
CA GLU A 108 -25.30 -12.30 5.87
C GLU A 108 -26.64 -12.56 5.21
N ARG A 109 -27.29 -13.66 5.59
CA ARG A 109 -28.56 -14.03 4.99
C ARG A 109 -29.61 -12.94 5.21
N ALA A 110 -29.61 -12.34 6.39
CA ALA A 110 -30.61 -11.35 6.74
C ALA A 110 -30.52 -10.11 5.87
N SER A 111 -29.37 -9.88 5.25
CA SER A 111 -29.19 -8.72 4.39
C SER A 111 -30.13 -8.74 3.19
N GLY A 112 -30.57 -9.93 2.76
CA GLY A 112 -31.35 -10.06 1.55
C GLY A 112 -30.56 -10.00 0.26
N TYR A 113 -29.23 -9.83 0.32
CA TYR A 113 -28.47 -9.77 -0.91
C TYR A 113 -28.38 -11.10 -1.63
N PHE A 114 -28.64 -12.22 -0.94
CA PHE A 114 -28.28 -13.54 -1.44
C PHE A 114 -29.51 -14.42 -1.65
N THR A 115 -30.62 -13.80 -2.06
CA THR A 115 -31.90 -14.50 -2.20
C THR A 115 -32.21 -14.91 -3.64
N ARG A 116 -31.46 -14.41 -4.61
CA ARG A 116 -31.80 -14.63 -6.01
C ARG A 116 -30.52 -14.63 -6.81
N PRO A 117 -30.56 -15.02 -8.07
CA PRO A 117 -29.33 -15.14 -8.85
C PRO A 117 -28.67 -13.79 -9.07
N TRP A 118 -27.36 -13.83 -9.22
CA TRP A 118 -26.61 -12.65 -9.56
C TRP A 118 -26.78 -12.37 -11.04
N GLN A 119 -27.08 -11.12 -11.36
CA GLN A 119 -27.28 -10.73 -12.76
C GLN A 119 -25.96 -10.19 -13.31
N TRP A 120 -25.01 -11.14 -13.46
CA TRP A 120 -23.63 -10.78 -13.80
C TRP A 120 -23.55 -9.99 -15.09
N GLU A 121 -24.28 -10.43 -16.12
CA GLU A 121 -24.20 -9.75 -17.42
C GLU A 121 -24.73 -8.31 -17.33
N LYS A 122 -25.79 -8.09 -16.56
CA LYS A 122 -26.34 -6.74 -16.39
C LYS A 122 -25.37 -5.85 -15.64
N ILE A 123 -24.69 -6.40 -14.63
CA ILE A 123 -23.68 -5.63 -13.92
C ILE A 123 -22.60 -5.15 -14.89
N LYS A 124 -22.09 -6.07 -15.72
CA LYS A 124 -21.02 -5.73 -16.65
C LYS A 124 -21.48 -4.70 -17.67
N ALA A 125 -22.74 -4.77 -18.10
CA ALA A 125 -23.25 -3.80 -19.06
C ALA A 125 -23.40 -2.42 -18.42
N ASN A 126 -23.75 -2.39 -17.13
CA ASN A 126 -23.93 -1.17 -16.35
C ASN A 126 -22.62 -0.63 -15.78
N CYS A 127 -21.53 -1.38 -15.84
CA CYS A 127 -20.25 -0.93 -15.27
C CYS A 127 -19.12 -1.60 -16.02
N PRO A 128 -18.53 -0.91 -17.00
CA PRO A 128 -17.43 -1.52 -17.76
C PRO A 128 -16.12 -1.57 -17.01
N TYR A 129 -15.99 -0.89 -15.88
CA TYR A 129 -14.70 -0.78 -15.18
C TYR A 129 -14.87 -1.35 -13.78
N ILE A 130 -14.48 -2.61 -13.59
CA ILE A 130 -14.62 -3.27 -12.30
C ILE A 130 -13.26 -3.78 -11.86
N VAL A 131 -12.77 -3.26 -10.75
CA VAL A 131 -11.51 -3.67 -10.15
C VAL A 131 -11.83 -4.41 -8.86
N GLN A 132 -11.03 -5.42 -8.54
CA GLN A 132 -11.31 -6.25 -7.38
C GLN A 132 -10.02 -6.48 -6.59
N PHE A 133 -10.10 -6.22 -5.30
CA PHE A 133 -9.05 -6.58 -4.36
C PHE A 133 -9.54 -7.77 -3.55
N GLY A 134 -8.66 -8.74 -3.36
CA GLY A 134 -8.98 -9.90 -2.56
C GLY A 134 -7.71 -10.49 -2.00
N SER A 135 -7.85 -11.25 -0.93
CA SER A 135 -6.68 -11.84 -0.30
C SER A 135 -7.01 -13.28 0.05
N THR A 136 -6.03 -14.16 -0.13
CA THR A 136 -6.23 -15.59 0.12
C THR A 136 -6.25 -15.94 1.59
N ASP A 137 -5.84 -15.04 2.48
CA ASP A 137 -5.87 -15.24 3.92
C ASP A 137 -7.03 -14.52 4.58
N ASP A 138 -8.08 -14.20 3.82
CA ASP A 138 -9.27 -13.62 4.40
C ASP A 138 -9.88 -14.60 5.38
N PRO A 139 -10.01 -14.25 6.67
CA PRO A 139 -10.58 -15.20 7.64
C PRO A 139 -12.08 -15.37 7.52
N PHE A 140 -12.76 -14.52 6.72
CA PHE A 140 -14.20 -14.60 6.55
C PHE A 140 -14.63 -15.18 5.21
N LEU A 141 -13.80 -15.10 4.18
CA LEU A 141 -14.20 -15.46 2.84
C LEU A 141 -13.35 -16.60 2.31
N PRO A 142 -13.95 -17.66 1.78
CA PRO A 142 -13.15 -18.63 1.02
C PRO A 142 -12.76 -18.03 -0.33
N TRP A 143 -11.52 -18.32 -0.76
CA TRP A 143 -11.05 -17.77 -2.03
C TRP A 143 -11.99 -18.11 -3.18
N LYS A 144 -12.61 -19.29 -3.16
CA LYS A 144 -13.51 -19.69 -4.23
C LYS A 144 -14.59 -18.63 -4.49
N GLU A 145 -15.09 -18.00 -3.43
CA GLU A 145 -16.15 -17.01 -3.60
C GLU A 145 -15.60 -15.73 -4.19
N GLN A 146 -14.38 -15.36 -3.79
CA GLN A 146 -13.75 -14.18 -4.39
C GLN A 146 -13.42 -14.45 -5.84
N GLN A 147 -12.95 -15.66 -6.13
CA GLN A 147 -12.63 -16.03 -7.52
C GLN A 147 -13.89 -16.06 -8.37
N GLU A 148 -15.02 -16.50 -7.81
CA GLU A 148 -16.26 -16.51 -8.59
C GLU A 148 -16.63 -15.10 -9.04
N VAL A 149 -16.50 -14.12 -8.15
CA VAL A 149 -16.73 -12.73 -8.55
C VAL A 149 -15.79 -12.34 -9.69
N ALA A 150 -14.50 -12.65 -9.53
CA ALA A 150 -13.52 -12.25 -10.55
C ALA A 150 -13.84 -12.85 -11.90
N ASP A 151 -14.28 -14.11 -11.92
CA ASP A 151 -14.60 -14.79 -13.18
C ASP A 151 -15.90 -14.26 -13.76
N ARG A 152 -16.95 -14.18 -12.93
CA ARG A 152 -18.26 -13.81 -13.45
C ARG A 152 -18.29 -12.36 -13.94
N LEU A 153 -17.53 -11.48 -13.29
CA LEU A 153 -17.52 -10.07 -13.65
C LEU A 153 -16.31 -9.66 -14.46
N GLU A 154 -15.39 -10.58 -14.74
CA GLU A 154 -14.17 -10.30 -15.48
C GLU A 154 -13.43 -9.11 -14.87
N THR A 155 -13.25 -9.17 -13.55
CA THR A 155 -12.66 -8.03 -12.85
C THR A 155 -11.15 -7.94 -13.13
N LYS A 156 -10.62 -6.73 -12.99
CA LYS A 156 -9.18 -6.57 -12.88
C LYS A 156 -8.86 -6.95 -11.45
N LEU A 157 -8.31 -8.14 -11.25
CA LEU A 157 -8.17 -8.73 -9.93
C LEU A 157 -6.79 -8.42 -9.39
N HIS A 158 -6.75 -7.79 -8.22
CA HIS A 158 -5.53 -7.59 -7.45
C HIS A 158 -5.56 -8.60 -6.30
N LYS A 159 -4.90 -9.74 -6.49
CA LYS A 159 -4.95 -10.84 -5.55
C LYS A 159 -3.73 -10.77 -4.62
N PHE A 160 -3.98 -10.65 -3.32
CA PHE A 160 -2.93 -10.65 -2.32
C PHE A 160 -3.00 -11.91 -1.48
N THR A 161 -1.97 -12.11 -0.67
CA THR A 161 -1.87 -13.27 0.20
C THR A 161 -1.85 -12.92 1.68
N ASP A 162 -1.78 -11.63 2.04
CA ASP A 162 -1.49 -11.25 3.41
C ASP A 162 -2.30 -10.04 3.86
N CYS A 163 -3.43 -9.76 3.21
CA CYS A 163 -4.22 -8.59 3.56
C CYS A 163 -5.46 -8.93 4.35
N GLY A 164 -5.73 -10.22 4.57
CA GLY A 164 -6.91 -10.61 5.33
C GLY A 164 -8.17 -10.07 4.68
N HIS A 165 -9.03 -9.51 5.51
CA HIS A 165 -10.27 -8.85 5.09
C HIS A 165 -10.07 -7.36 4.81
N PHE A 166 -8.84 -6.94 4.55
CA PHE A 166 -8.52 -5.55 4.25
C PHE A 166 -9.04 -4.61 5.35
N GLN A 167 -8.57 -4.85 6.56
CA GLN A 167 -8.95 -4.07 7.72
C GLN A 167 -7.83 -3.16 8.20
N ASN A 168 -6.76 -3.02 7.41
CA ASN A 168 -5.69 -2.14 7.79
C ASN A 168 -6.12 -0.69 7.62
N THR A 169 -5.30 0.21 8.16
CA THR A 169 -5.70 1.61 8.22
C THR A 169 -5.29 2.40 7.00
N GLU A 170 -4.38 1.90 6.18
CA GLU A 170 -3.97 2.58 4.96
C GLU A 170 -4.07 1.59 3.81
N PHE A 171 -4.22 2.12 2.59
CA PHE A 171 -4.51 1.27 1.45
C PHE A 171 -4.02 1.97 0.18
N HIS A 172 -2.70 2.07 0.03
CA HIS A 172 -2.19 2.86 -1.08
C HIS A 172 -2.51 2.23 -2.43
N GLU A 173 -2.51 0.90 -2.53
CA GLU A 173 -2.86 0.25 -3.79
C GLU A 173 -4.21 0.71 -4.29
N LEU A 174 -5.18 0.89 -3.37
CA LEU A 174 -6.50 1.34 -3.75
C LEU A 174 -6.47 2.77 -4.27
N ILE A 175 -5.68 3.64 -3.66
CA ILE A 175 -5.54 5.01 -4.18
C ILE A 175 -5.04 5.00 -5.63
N THR A 176 -3.96 4.26 -5.89
CA THR A 176 -3.45 4.13 -7.26
C THR A 176 -4.54 3.69 -8.22
N VAL A 177 -5.31 2.67 -7.83
CA VAL A 177 -6.40 2.21 -8.70
C VAL A 177 -7.40 3.33 -8.95
N VAL A 178 -7.81 4.02 -7.89
CA VAL A 178 -8.86 5.03 -8.06
C VAL A 178 -8.33 6.18 -8.90
N LYS A 179 -7.07 6.59 -8.70
CA LYS A 179 -6.52 7.66 -9.51
C LYS A 179 -6.37 7.24 -10.96
N SER A 180 -6.07 5.96 -11.21
CA SER A 180 -6.08 5.48 -12.59
C SER A 180 -7.46 5.63 -13.21
N LEU A 181 -8.50 5.21 -12.46
CA LEU A 181 -9.86 5.34 -12.97
C LEU A 181 -10.24 6.79 -13.21
N LEU A 182 -9.71 7.69 -12.40
CA LEU A 182 -9.95 9.12 -12.60
C LEU A 182 -9.11 9.69 -13.73
N LYS A 183 -8.13 8.94 -14.22
CA LYS A 183 -7.23 9.38 -15.29
C LYS A 183 -6.35 10.56 -14.85
N VAL A 184 -5.93 10.54 -13.60
CA VAL A 184 -4.98 11.55 -13.10
C VAL A 184 -3.62 11.19 -13.70
N PRO A 185 -2.95 12.10 -14.40
CA PRO A 185 -1.67 11.75 -15.01
C PRO A 185 -0.55 11.72 -13.98
N ALA A 186 0.46 10.90 -14.25
CA ALA A 186 1.68 10.88 -13.46
C ALA A 186 2.47 12.13 -13.77
N SER B 3 20.60 -16.78 0.27
CA SER B 3 19.76 -17.46 1.25
C SER B 3 19.39 -16.52 2.40
N PRO B 4 18.59 -15.49 2.12
CA PRO B 4 18.42 -14.40 3.07
C PRO B 4 17.81 -14.86 4.39
N SER B 5 18.48 -14.50 5.49
CA SER B 5 18.05 -14.90 6.82
C SER B 5 17.32 -13.79 7.57
N LYS B 6 17.50 -12.53 7.18
CA LYS B 6 16.86 -11.45 7.92
C LYS B 6 16.78 -10.22 7.04
N ALA B 7 15.92 -9.32 7.44
CA ALA B 7 15.94 -7.95 6.96
C ALA B 7 16.44 -7.05 8.07
N VAL B 8 16.96 -5.89 7.66
CA VAL B 8 17.38 -4.85 8.59
C VAL B 8 16.81 -3.55 8.06
N ILE B 9 16.10 -2.82 8.91
CA ILE B 9 15.61 -1.48 8.57
C ILE B 9 16.60 -0.45 9.09
N VAL B 10 17.15 0.36 8.20
CA VAL B 10 17.92 1.53 8.57
C VAL B 10 17.04 2.75 8.34
N PRO B 11 16.66 3.48 9.37
CA PRO B 11 15.63 4.51 9.24
C PRO B 11 16.20 5.80 8.68
N GLY B 12 15.31 6.78 8.52
CA GLY B 12 15.73 8.11 8.17
C GLY B 12 16.36 8.81 9.35
N ASN B 13 16.89 10.01 9.12
CA ASN B 13 17.44 10.78 10.23
C ASN B 13 16.31 11.36 11.09
N GLY B 14 16.69 11.94 12.22
CA GLY B 14 15.67 12.42 13.13
C GLY B 14 15.63 11.60 14.41
N GLY B 15 15.14 12.22 15.48
CA GLY B 15 15.14 11.58 16.78
C GLY B 15 13.99 10.63 17.05
N GLY B 16 13.19 10.29 16.05
CA GLY B 16 12.04 9.43 16.27
C GLY B 16 12.47 8.04 16.68
N ASP B 17 11.77 7.49 17.68
CA ASP B 17 11.98 6.11 18.10
C ASP B 17 11.55 5.19 16.96
N VAL B 18 12.49 4.36 16.50
CA VAL B 18 12.23 3.52 15.34
C VAL B 18 11.03 2.63 15.59
N THR B 19 10.74 2.29 16.85
CA THR B 19 9.70 1.32 17.15
C THR B 19 8.30 1.90 17.05
N THR B 20 8.18 3.22 17.00
CA THR B 20 6.88 3.89 16.93
C THR B 20 6.75 4.86 15.76
N HIS B 21 7.85 5.29 15.14
CA HIS B 21 7.80 6.30 14.10
C HIS B 21 7.54 5.68 12.73
N GLY B 22 6.72 6.35 11.92
CA GLY B 22 6.59 5.95 10.53
C GLY B 22 6.08 4.52 10.36
N TRP B 23 6.60 3.86 9.32
CA TRP B 23 6.18 2.50 8.98
C TRP B 23 7.14 1.42 9.46
N TYR B 24 8.19 1.77 10.19
CA TYR B 24 9.24 0.80 10.48
C TYR B 24 8.73 -0.36 11.33
N GLY B 25 8.00 -0.04 12.40
CA GLY B 25 7.50 -1.10 13.28
C GLY B 25 6.48 -1.99 12.60
N TRP B 26 5.62 -1.40 11.78
CA TRP B 26 4.62 -2.17 11.04
C TRP B 26 5.30 -3.13 10.07
N VAL B 27 6.30 -2.64 9.34
CA VAL B 27 7.01 -3.51 8.39
C VAL B 27 7.74 -4.61 9.13
N LYS B 28 8.39 -4.27 10.25
CA LYS B 28 9.08 -5.27 11.07
C LYS B 28 8.12 -6.37 11.49
N LYS B 29 6.93 -5.99 11.98
CA LYS B 29 5.98 -6.99 12.44
C LYS B 29 5.46 -7.83 11.28
N GLU B 30 5.22 -7.22 10.12
CA GLU B 30 4.70 -7.97 8.99
C GLU B 30 5.72 -8.99 8.47
N LEU B 31 6.98 -8.59 8.40
CA LEU B 31 8.01 -9.51 7.93
C LEU B 31 8.24 -10.65 8.93
N GLU B 32 8.15 -10.34 10.23
CA GLU B 32 8.34 -11.36 11.25
C GLU B 32 7.15 -12.29 11.37
N LYS B 33 6.07 -12.02 10.64
CA LYS B 33 5.01 -13.01 10.56
C LYS B 33 5.46 -14.26 9.82
N ILE B 34 6.49 -14.17 8.98
CA ILE B 34 7.06 -15.32 8.28
C ILE B 34 7.84 -16.16 9.28
N PRO B 35 7.47 -17.43 9.50
CA PRO B 35 8.17 -18.22 10.52
C PRO B 35 9.66 -18.30 10.24
N GLY B 36 10.45 -18.04 11.26
CA GLY B 36 11.89 -18.07 11.16
C GLY B 36 12.55 -16.81 10.66
N PHE B 37 11.78 -15.86 10.11
CA PHE B 37 12.36 -14.66 9.53
C PHE B 37 12.45 -13.55 10.56
N GLN B 38 13.58 -12.85 10.57
CA GLN B 38 13.81 -11.78 11.52
C GLN B 38 13.93 -10.46 10.76
N CYS B 39 13.48 -9.40 11.41
CA CYS B 39 13.63 -8.05 10.90
C CYS B 39 14.13 -7.19 12.05
N LEU B 40 15.37 -6.71 11.95
CA LEU B 40 15.93 -5.86 12.98
C LEU B 40 15.60 -4.42 12.65
N ALA B 41 15.20 -3.65 13.66
CA ALA B 41 15.00 -2.22 13.50
C ALA B 41 15.38 -1.60 14.84
N LYS B 42 16.53 -0.95 14.87
CA LYS B 42 17.07 -0.40 16.09
C LYS B 42 17.23 1.09 15.94
N ASN B 43 17.04 1.81 17.03
CA ASN B 43 17.38 3.22 17.04
C ASN B 43 18.88 3.36 16.79
N MET B 44 19.23 4.24 15.85
CA MET B 44 20.60 4.40 15.42
C MET B 44 21.32 5.36 16.37
N PRO B 45 22.61 5.13 16.60
CA PRO B 45 23.42 6.18 17.23
C PRO B 45 23.46 7.38 16.29
N ASP B 46 23.67 8.55 16.87
CA ASP B 46 23.71 9.78 16.10
C ASP B 46 22.43 9.90 15.27
N PRO B 47 21.26 9.77 15.89
CA PRO B 47 20.03 9.65 15.08
C PRO B 47 19.70 10.91 14.30
N ILE B 48 20.06 12.08 14.80
CA ILE B 48 19.64 13.32 14.14
C ILE B 48 20.51 13.60 12.93
N THR B 49 21.82 13.56 13.12
CA THR B 49 22.76 13.91 12.04
C THR B 49 23.08 12.73 11.15
N ALA B 50 22.88 11.50 11.63
CA ALA B 50 23.00 10.27 10.83
C ALA B 50 24.36 10.13 10.16
N ARG B 51 25.43 10.49 10.87
CA ARG B 51 26.73 10.56 10.22
C ARG B 51 27.22 9.19 9.75
N GLU B 52 27.73 9.15 8.51
CA GLU B 52 28.18 7.91 7.89
C GLU B 52 29.19 7.20 8.76
N SER B 53 30.12 7.96 9.36
CA SER B 53 31.18 7.37 10.17
C SER B 53 30.66 6.69 11.41
N ILE B 54 29.41 6.94 11.79
CA ILE B 54 28.78 6.28 12.92
C ILE B 54 27.80 5.20 12.48
N TRP B 55 27.02 5.49 11.43
CA TRP B 55 25.97 4.56 11.02
C TRP B 55 26.55 3.32 10.36
N LEU B 56 27.56 3.49 9.50
CA LEU B 56 28.11 2.34 8.78
C LEU B 56 28.70 1.30 9.72
N PRO B 57 29.55 1.65 10.69
CA PRO B 57 30.02 0.64 11.66
C PRO B 57 28.89 0.03 12.48
N PHE B 58 27.89 0.84 12.86
CA PHE B 58 26.74 0.30 13.58
C PHE B 58 26.02 -0.75 12.73
N MET B 59 25.91 -0.52 11.42
CA MET B 59 25.25 -1.49 10.54
C MET B 59 26.01 -2.80 10.48
N GLU B 60 27.33 -2.76 10.58
CA GLU B 60 28.13 -3.98 10.54
C GLU B 60 28.12 -4.71 11.86
N THR B 61 28.37 -4.01 12.97
CA THR B 61 28.64 -4.67 14.24
C THR B 61 27.40 -4.86 15.11
N GLU B 62 26.41 -3.96 15.02
CA GLU B 62 25.21 -4.12 15.82
C GLU B 62 24.02 -4.66 15.03
N LEU B 63 23.93 -4.35 13.74
CA LEU B 63 22.85 -4.87 12.91
C LEU B 63 23.26 -6.05 12.06
N HIS B 64 24.55 -6.39 12.04
CA HIS B 64 25.06 -7.59 11.37
C HIS B 64 24.66 -7.66 9.90
N CYS B 65 24.73 -6.54 9.20
CA CYS B 65 24.35 -6.51 7.80
C CYS B 65 25.38 -7.29 6.98
N ASP B 66 24.94 -8.38 6.36
CA ASP B 66 25.87 -9.30 5.72
C ASP B 66 25.24 -9.85 4.44
N GLU B 67 25.88 -10.85 3.85
CA GLU B 67 25.46 -11.34 2.55
C GLU B 67 24.13 -12.10 2.60
N LYS B 68 23.59 -12.38 3.78
CA LYS B 68 22.26 -12.95 3.93
C LYS B 68 21.23 -11.92 4.42
N THR B 69 21.56 -10.64 4.35
CA THR B 69 20.66 -9.60 4.84
C THR B 69 19.98 -8.87 3.70
N ILE B 70 18.69 -8.61 3.84
CA ILE B 70 17.99 -7.64 3.01
C ILE B 70 18.03 -6.32 3.79
N ILE B 71 18.71 -5.31 3.28
CA ILE B 71 18.71 -4.02 3.96
C ILE B 71 17.61 -3.17 3.37
N ILE B 72 16.72 -2.69 4.23
CA ILE B 72 15.69 -1.75 3.84
C ILE B 72 16.11 -0.40 4.40
N GLY B 73 16.47 0.54 3.52
CA GLY B 73 16.94 1.82 4.01
C GLY B 73 16.01 2.93 3.59
N HIS B 74 15.66 3.82 4.53
CA HIS B 74 14.76 4.95 4.27
C HIS B 74 15.57 6.24 4.32
N SER B 75 15.62 6.98 3.19
CA SER B 75 16.21 8.31 3.09
C SER B 75 17.67 8.24 3.52
N SER B 76 18.06 8.88 4.62
CA SER B 76 19.44 8.74 5.12
C SER B 76 19.83 7.26 5.22
N GLY B 77 18.90 6.41 5.63
CA GLY B 77 19.17 4.98 5.70
C GLY B 77 19.36 4.35 4.34
N ALA B 78 18.68 4.88 3.32
CA ALA B 78 18.94 4.42 1.96
C ALA B 78 20.34 4.82 1.52
N ILE B 79 20.72 6.06 1.80
CA ILE B 79 22.08 6.49 1.47
C ILE B 79 23.09 5.60 2.17
N ALA B 80 22.87 5.35 3.46
CA ALA B 80 23.79 4.51 4.23
C ALA B 80 23.85 3.10 3.66
N ALA B 81 22.70 2.54 3.26
CA ALA B 81 22.72 1.21 2.66
C ALA B 81 23.54 1.20 1.38
N MET B 82 23.46 2.28 0.58
CA MET B 82 24.24 2.36 -0.64
C MET B 82 25.73 2.43 -0.34
N ARG B 83 26.12 3.33 0.57
CA ARG B 83 27.54 3.40 0.91
C ARG B 83 28.02 2.09 1.52
N TYR B 84 27.19 1.48 2.37
CA TYR B 84 27.57 0.22 3.00
C TYR B 84 27.88 -0.84 1.95
N ALA B 85 27.06 -0.93 0.90
CA ALA B 85 27.25 -1.90 -0.16
C ALA B 85 28.50 -1.66 -1.00
N GLU B 86 29.16 -0.50 -0.87
CA GLU B 86 30.43 -0.30 -1.58
C GLU B 86 31.49 -1.25 -1.07
N THR B 87 31.43 -1.63 0.21
CA THR B 87 32.48 -2.44 0.80
C THR B 87 31.98 -3.73 1.44
N HIS B 88 30.66 -3.99 1.43
CA HIS B 88 30.11 -5.20 2.03
C HIS B 88 29.17 -5.89 1.07
N ARG B 89 29.26 -7.22 1.05
CA ARG B 89 28.29 -8.06 0.37
C ARG B 89 26.98 -8.06 1.16
N VAL B 90 25.87 -7.84 0.48
CA VAL B 90 24.54 -7.92 1.08
C VAL B 90 23.64 -8.66 0.11
N TYR B 91 22.61 -9.32 0.63
CA TYR B 91 21.74 -10.11 -0.24
C TYR B 91 20.91 -9.22 -1.14
N ALA B 92 20.26 -8.21 -0.57
CA ALA B 92 19.47 -7.28 -1.34
C ALA B 92 19.36 -5.97 -0.57
N ILE B 93 19.13 -4.90 -1.31
CA ILE B 93 18.85 -3.60 -0.74
C ILE B 93 17.54 -3.09 -1.29
N VAL B 94 16.66 -2.61 -0.40
CA VAL B 94 15.46 -1.90 -0.79
C VAL B 94 15.62 -0.46 -0.37
N LEU B 95 15.76 0.43 -1.35
CA LEU B 95 15.98 1.85 -1.10
C LEU B 95 14.62 2.53 -1.13
N VAL B 96 14.37 3.38 -0.15
CA VAL B 96 13.14 4.16 -0.07
C VAL B 96 13.56 5.62 0.03
N SER B 97 13.28 6.41 -1.02
CA SER B 97 13.65 7.82 -1.08
C SER B 97 15.15 7.98 -1.10
N ALA B 98 15.76 7.52 -2.18
CA ALA B 98 17.20 7.54 -2.37
C ALA B 98 17.56 8.73 -3.23
N TYR B 99 18.82 9.16 -3.10
CA TYR B 99 19.31 10.34 -3.78
C TYR B 99 20.83 10.27 -3.81
N THR B 100 21.46 11.26 -4.46
CA THR B 100 22.90 11.16 -4.72
C THR B 100 23.74 12.29 -4.13
N SER B 101 23.19 13.45 -3.85
CA SER B 101 23.97 14.59 -3.39
C SER B 101 23.44 15.10 -2.06
N ASP B 102 24.16 16.05 -1.48
CA ASP B 102 23.72 16.65 -0.22
C ASP B 102 22.59 17.66 -0.41
N LEU B 103 22.17 17.89 -1.65
CA LEU B 103 21.03 18.75 -1.98
C LEU B 103 21.20 20.18 -1.48
N GLY B 104 22.45 20.60 -1.25
CA GLY B 104 22.73 21.88 -0.65
C GLY B 104 22.27 22.01 0.78
N ASP B 105 21.92 20.91 1.44
CA ASP B 105 21.42 20.94 2.81
C ASP B 105 22.58 20.74 3.77
N GLU B 106 22.68 21.61 4.77
CA GLU B 106 23.83 21.57 5.69
C GLU B 106 23.84 20.30 6.52
N ASN B 107 22.66 19.81 6.91
CA ASN B 107 22.64 18.57 7.69
C ASN B 107 23.05 17.38 6.82
N GLU B 108 22.57 17.33 5.59
CA GLU B 108 22.96 16.25 4.68
C GLU B 108 24.47 16.26 4.42
N ARG B 109 25.04 17.43 4.15
CA ARG B 109 26.47 17.48 3.92
C ARG B 109 27.24 17.03 5.15
N ALA B 110 26.82 17.48 6.33
CA ALA B 110 27.52 17.09 7.55
C ALA B 110 27.49 15.58 7.78
N SER B 111 26.51 14.87 7.19
CA SER B 111 26.42 13.43 7.37
C SER B 111 27.63 12.70 6.80
N GLY B 112 28.27 13.26 5.79
CA GLY B 112 29.45 12.65 5.23
C GLY B 112 29.22 11.65 4.12
N TYR B 113 27.97 11.35 3.77
CA TYR B 113 27.74 10.40 2.70
C TYR B 113 28.02 10.96 1.31
N PHE B 114 28.21 12.27 1.18
CA PHE B 114 28.22 12.90 -0.13
C PHE B 114 29.54 13.61 -0.41
N THR B 115 30.63 13.08 0.13
CA THR B 115 31.92 13.76 0.03
C THR B 115 32.70 13.39 -1.21
N ARG B 116 32.32 12.34 -1.92
CA ARG B 116 33.18 11.69 -2.90
C ARG B 116 32.28 10.94 -3.87
N PRO B 117 32.82 10.45 -4.98
CA PRO B 117 31.97 9.78 -5.96
C PRO B 117 31.33 8.53 -5.39
N TRP B 118 30.18 8.21 -5.95
CA TRP B 118 29.51 6.96 -5.64
C TRP B 118 30.19 5.83 -6.41
N GLN B 119 30.49 4.74 -5.71
CA GLN B 119 31.12 3.57 -6.33
C GLN B 119 30.03 2.63 -6.83
N TRP B 120 29.32 3.09 -7.87
CA TRP B 120 28.13 2.37 -8.33
C TRP B 120 28.44 0.93 -8.71
N GLU B 121 29.57 0.71 -9.38
CA GLU B 121 29.89 -0.64 -9.84
C GLU B 121 30.21 -1.57 -8.67
N LYS B 122 30.83 -1.05 -7.62
CA LYS B 122 31.11 -1.87 -6.46
C LYS B 122 29.82 -2.26 -5.75
N ILE B 123 28.85 -1.34 -5.70
CA ILE B 123 27.57 -1.64 -5.07
C ILE B 123 26.87 -2.75 -5.84
N LYS B 124 26.83 -2.62 -7.17
CA LYS B 124 26.15 -3.62 -7.98
C LYS B 124 26.85 -4.97 -7.87
N ALA B 125 28.18 -4.97 -7.76
CA ALA B 125 28.92 -6.21 -7.62
C ALA B 125 28.68 -6.87 -6.27
N ASN B 126 28.40 -6.06 -5.23
CA ASN B 126 28.21 -6.57 -3.89
C ASN B 126 26.75 -6.87 -3.58
N CYS B 127 25.82 -6.39 -4.40
CA CYS B 127 24.39 -6.51 -4.15
C CYS B 127 23.64 -6.75 -5.45
N PRO B 128 23.30 -8.00 -5.77
CA PRO B 128 22.66 -8.28 -7.06
C PRO B 128 21.21 -7.83 -7.17
N TYR B 129 20.53 -7.58 -6.06
CA TYR B 129 19.11 -7.23 -6.07
C TYR B 129 18.92 -5.90 -5.38
N ILE B 130 18.66 -4.86 -6.16
CA ILE B 130 18.45 -3.51 -5.65
C ILE B 130 17.08 -3.07 -6.10
N VAL B 131 16.18 -2.85 -5.15
CA VAL B 131 14.84 -2.37 -5.42
C VAL B 131 14.74 -0.96 -4.87
N GLN B 132 14.00 -0.09 -5.56
CA GLN B 132 13.95 1.30 -5.17
C GLN B 132 12.51 1.80 -5.18
N PHE B 133 12.10 2.44 -4.09
CA PHE B 133 10.83 3.15 -4.01
C PHE B 133 11.11 4.64 -4.08
N GLY B 134 10.39 5.34 -4.91
CA GLY B 134 10.53 6.79 -4.98
C GLY B 134 9.19 7.40 -5.32
N SER B 135 8.95 8.60 -4.82
CA SER B 135 7.70 9.28 -5.12
C SER B 135 8.02 10.61 -5.78
N THR B 136 7.29 10.93 -6.85
CA THR B 136 7.59 12.15 -7.58
C THR B 136 7.22 13.41 -6.79
N ASP B 137 6.38 13.28 -5.76
CA ASP B 137 5.98 14.40 -4.93
C ASP B 137 6.78 14.48 -3.62
N ASP B 138 7.93 13.82 -3.55
CA ASP B 138 8.74 13.89 -2.33
C ASP B 138 9.13 15.34 -2.09
N PRO B 139 8.71 15.95 -0.99
CA PRO B 139 9.02 17.37 -0.76
C PRO B 139 10.50 17.64 -0.54
N PHE B 140 11.29 16.62 -0.19
CA PHE B 140 12.70 16.79 0.12
C PHE B 140 13.60 16.60 -1.09
N LEU B 141 13.15 15.86 -2.11
CA LEU B 141 14.02 15.39 -3.18
C LEU B 141 13.50 15.86 -4.54
N PRO B 142 14.36 16.42 -5.38
CA PRO B 142 13.99 16.55 -6.80
C PRO B 142 14.02 15.16 -7.44
N TRP B 143 13.09 14.93 -8.36
CA TRP B 143 13.00 13.59 -8.95
C TRP B 143 14.31 13.17 -9.60
N LYS B 144 15.04 14.11 -10.20
CA LYS B 144 16.26 13.74 -10.94
C LYS B 144 17.28 13.03 -10.06
N GLU B 145 17.30 13.31 -8.76
CA GLU B 145 18.22 12.61 -7.86
C GLU B 145 17.78 11.16 -7.67
N GLN B 146 16.47 10.94 -7.54
CA GLN B 146 15.96 9.58 -7.43
C GLN B 146 16.19 8.80 -8.72
N GLN B 147 15.99 9.46 -9.87
CA GLN B 147 16.22 8.83 -11.16
C GLN B 147 17.69 8.49 -11.38
N GLU B 148 18.59 9.36 -10.91
CA GLU B 148 20.01 9.05 -11.01
C GLU B 148 20.36 7.74 -10.28
N VAL B 149 19.86 7.57 -9.05
CA VAL B 149 20.06 6.31 -8.37
C VAL B 149 19.52 5.16 -9.21
N ALA B 150 18.33 5.34 -9.78
CA ALA B 150 17.72 4.24 -10.53
C ALA B 150 18.54 3.88 -11.75
N ASP B 151 19.10 4.89 -12.43
CA ASP B 151 19.90 4.61 -13.62
C ASP B 151 21.25 4.01 -13.25
N ARG B 152 21.92 4.57 -12.22
CA ARG B 152 23.28 4.15 -11.88
C ARG B 152 23.32 2.75 -11.29
N LEU B 153 22.33 2.41 -10.47
CA LEU B 153 22.28 1.11 -9.85
C LEU B 153 21.38 0.14 -10.58
N GLU B 154 20.76 0.57 -11.68
CA GLU B 154 19.83 -0.24 -12.45
C GLU B 154 18.79 -0.90 -11.56
N THR B 155 18.16 -0.07 -10.74
CA THR B 155 17.26 -0.59 -9.73
C THR B 155 15.95 -1.03 -10.36
N LYS B 156 15.27 -1.96 -9.69
CA LYS B 156 13.88 -2.22 -9.99
C LYS B 156 13.10 -1.10 -9.32
N LEU B 157 12.64 -0.14 -10.12
CA LEU B 157 12.12 1.12 -9.62
C LEU B 157 10.61 1.03 -9.48
N HIS B 158 10.12 1.32 -8.28
CA HIS B 158 8.69 1.45 -8.00
C HIS B 158 8.45 2.95 -7.85
N LYS B 159 7.89 3.56 -8.90
CA LYS B 159 7.78 5.00 -8.98
C LYS B 159 6.35 5.38 -8.61
N PHE B 160 6.18 6.05 -7.47
CA PHE B 160 4.89 6.49 -7.00
C PHE B 160 4.75 7.99 -7.19
N THR B 161 3.51 8.48 -7.09
CA THR B 161 3.19 9.87 -7.33
C THR B 161 2.73 10.63 -6.09
N ASP B 162 2.38 9.92 -5.01
CA ASP B 162 1.64 10.56 -3.92
C ASP B 162 2.08 10.09 -2.54
N CYS B 163 3.27 9.53 -2.39
CA CYS B 163 3.73 9.04 -1.11
C CYS B 163 4.66 10.00 -0.39
N GLY B 164 4.96 11.16 -0.98
CA GLY B 164 5.82 12.13 -0.31
C GLY B 164 7.15 11.51 0.04
N HIS B 165 7.58 11.71 1.29
CA HIS B 165 8.82 11.17 1.78
C HIS B 165 8.65 9.80 2.42
N PHE B 166 7.53 9.14 2.14
CA PHE B 166 7.22 7.83 2.71
C PHE B 166 7.21 7.88 4.24
N GLN B 167 6.37 8.75 4.79
CA GLN B 167 6.19 8.87 6.22
C GLN B 167 4.88 8.24 6.69
N ASN B 168 4.26 7.45 5.84
CA ASN B 168 3.07 6.67 6.16
C ASN B 168 3.34 5.74 7.34
N THR B 169 2.27 5.26 7.96
CA THR B 169 2.39 4.33 9.07
C THR B 169 2.40 2.87 8.64
N GLU B 170 1.91 2.56 7.45
CA GLU B 170 1.97 1.20 6.91
C GLU B 170 2.57 1.24 5.50
N PHE B 171 3.02 0.09 5.02
CA PHE B 171 3.74 0.09 3.76
C PHE B 171 3.63 -1.31 3.16
N HIS B 172 2.40 -1.67 2.79
CA HIS B 172 2.17 -3.01 2.27
C HIS B 172 2.97 -3.27 1.01
N GLU B 173 3.12 -2.26 0.14
CA GLU B 173 3.85 -2.50 -1.11
C GLU B 173 5.29 -2.90 -0.84
N LEU B 174 5.88 -2.39 0.24
CA LEU B 174 7.22 -2.80 0.64
C LEU B 174 7.23 -4.26 1.07
N ILE B 175 6.21 -4.69 1.83
CA ILE B 175 6.13 -6.10 2.21
C ILE B 175 6.10 -6.98 0.97
N THR B 176 5.31 -6.59 -0.03
CA THR B 176 5.22 -7.38 -1.25
C THR B 176 6.56 -7.47 -1.95
N VAL B 177 7.33 -6.37 -1.98
CA VAL B 177 8.65 -6.42 -2.59
C VAL B 177 9.56 -7.38 -1.83
N VAL B 178 9.56 -7.31 -0.49
CA VAL B 178 10.48 -8.14 0.27
C VAL B 178 10.10 -9.60 0.12
N LYS B 179 8.81 -9.90 0.12
CA LYS B 179 8.40 -11.29 -0.11
C LYS B 179 8.79 -11.76 -1.51
N SER B 180 8.79 -10.86 -2.50
CA SER B 180 9.23 -11.26 -3.84
C SER B 180 10.71 -11.58 -3.87
N LEU B 181 11.52 -10.82 -3.11
CA LEU B 181 12.94 -11.12 -2.97
C LEU B 181 13.18 -12.45 -2.28
N LEU B 182 12.32 -12.80 -1.32
CA LEU B 182 12.42 -14.10 -0.66
C LEU B 182 11.83 -15.23 -1.50
N LYS B 183 11.09 -14.91 -2.57
CA LYS B 183 10.29 -15.89 -3.33
C LYS B 183 9.16 -16.46 -2.51
N VAL B 184 8.61 -15.67 -1.59
CA VAL B 184 7.48 -16.07 -0.78
C VAL B 184 6.17 -15.92 -1.56
#